data_6ZGO
#
_entry.id   6ZGO
#
_cell.length_a   70.114
_cell.length_b   70.867
_cell.length_c   72.606
_cell.angle_alpha   90.000
_cell.angle_beta   100.570
_cell.angle_gamma   90.000
#
_symmetry.space_group_name_H-M   'C 1 2 1'
#
loop_
_entity.id
_entity.type
_entity.pdbx_description
1 polymer Prothrombin
2 polymer Prothrombin
3 polymer 'Hirudin variant-2'
4 non-polymer 'SODIUM ION'
5 non-polymer 2-acetamido-2-deoxy-beta-D-glucopyranose
6 non-polymer 'DIMETHYL SULFOXIDE'
7 non-polymer (2~{S})-1-[(2~{R})-2-azanyl-3-phenyl-propanoyl]-~{N}-[(5-chloranylfuran-2-yl)methyl]pyrrolidine-2-carboxamide
8 water water
#
loop_
_entity_poly.entity_id
_entity_poly.type
_entity_poly.pdbx_seq_one_letter_code
_entity_poly.pdbx_strand_id
1 'polypeptide(L)' TFGSGEADCGLRPLFEKKSLEDKTERELLESYIDGR L
2 'polypeptide(L)'
;IVEGSDAEIGMSPWQVMLFRKSPQELLCGASLISDRWVLTAAHCLLYPPWDKNFTENDLLVRIGKHSRTRYERNIEKISM
LEKIYIHPRYNWRENLDRDIALMKLKKPVAFSDYIHPVCLPDRETAASLLQAGYKGRVTGWGNLKETWTANVGKGQPSVL
QVVNLPIVERPVCKDSTRIRITDNMFCAGYKPDEGKRGDACEGDSGGPFVMKSPFNNRWYQMGIVSWGEGCDRDGKYGFY
THVFRLKKWIQKVIDQFGE
;
H
3 'polypeptide(L)' GDFEEIPEE(TYS)LQ I
#
loop_
_chem_comp.id
_chem_comp.type
_chem_comp.name
_chem_comp.formula
DMS non-polymer 'DIMETHYL SULFOXIDE' 'C2 H6 O S'
NA non-polymer 'SODIUM ION' 'Na 1'
NAG D-saccharide, beta linking 2-acetamido-2-deoxy-beta-D-glucopyranose 'C8 H15 N O6'
QKE non-polymer (2~{S})-1-[(2~{R})-2-azanyl-3-phenyl-propanoyl]-~{N}-[(5-chloranylfuran-2-yl)methyl]pyrrolidine-2-carboxamide 'C19 H22 Cl N3 O3'
#
# COMPACT_ATOMS: atom_id res chain seq x y z
N GLU A 6 -13.50 1.44 11.42
CA GLU A 6 -14.91 1.27 11.06
C GLU A 6 -15.39 -0.13 11.46
N ALA A 7 -16.68 -0.23 11.78
CA ALA A 7 -17.26 -1.49 12.25
C ALA A 7 -17.11 -2.60 11.21
N ASP A 8 -17.28 -2.29 9.93
N ASP A 8 -17.25 -2.24 9.93
CA ASP A 8 -17.12 -3.31 8.91
CA ASP A 8 -17.18 -3.17 8.81
C ASP A 8 -15.85 -3.08 8.09
C ASP A 8 -15.85 -3.12 8.09
N CYS A 9 -14.78 -2.62 8.74
CA CYS A 9 -13.50 -2.55 8.08
C CYS A 9 -13.05 -3.93 7.62
N GLY A 10 -12.33 -3.95 6.51
CA GLY A 10 -11.64 -5.15 6.08
C GLY A 10 -12.53 -6.23 5.51
N LEU A 11 -13.80 -5.95 5.28
CA LEU A 11 -14.73 -6.90 4.70
C LEU A 11 -15.12 -6.34 3.34
N ARG A 12 -14.74 -7.04 2.27
CA ARG A 12 -14.90 -6.49 0.93
C ARG A 12 -16.30 -6.75 0.39
N PRO A 13 -16.95 -5.73 -0.18
CA PRO A 13 -18.30 -5.94 -0.73
C PRO A 13 -18.41 -7.09 -1.72
N LEU A 14 -17.42 -7.27 -2.58
CA LEU A 14 -17.49 -8.28 -3.62
C LEU A 14 -16.92 -9.63 -3.21
N PHE A 15 -16.43 -9.75 -1.96
CA PHE A 15 -15.85 -11.01 -1.52
C PHE A 15 -16.45 -11.42 -0.19
N GLU A 16 -15.89 -10.95 0.93
CA GLU A 16 -16.40 -11.38 2.25
C GLU A 16 -17.88 -11.09 2.42
N LYS A 17 -18.34 -9.93 1.96
CA LYS A 17 -19.74 -9.58 2.18
C LYS A 17 -20.69 -10.52 1.46
N LYS A 18 -20.26 -11.16 0.36
CA LYS A 18 -21.14 -12.13 -0.29
C LYS A 18 -20.59 -13.54 -0.18
N SER A 19 -19.71 -13.79 0.79
CA SER A 19 -19.06 -15.09 1.01
C SER A 19 -18.46 -15.68 -0.27
N LEU A 20 -17.73 -14.83 -1.01
CA LEU A 20 -16.98 -15.28 -2.17
C LEU A 20 -15.50 -15.10 -1.87
N GLU A 21 -14.66 -16.04 -2.31
CA GLU A 21 -13.22 -15.92 -2.08
C GLU A 21 -12.55 -15.39 -3.34
N ASP A 22 -11.44 -14.66 -3.14
CA ASP A 22 -10.67 -14.31 -4.32
C ASP A 22 -9.72 -15.47 -4.65
N LYS A 23 -9.04 -15.36 -5.78
CA LYS A 23 -8.36 -16.51 -6.36
C LYS A 23 -7.09 -16.91 -5.61
N THR A 24 -6.52 -16.05 -4.76
CA THR A 24 -5.29 -16.44 -4.08
C THR A 24 -5.32 -16.24 -2.56
N GLU A 25 -6.46 -15.87 -1.95
CA GLU A 25 -6.40 -15.69 -0.51
C GLU A 25 -6.13 -16.99 0.23
N ARG A 26 -6.56 -18.14 -0.32
CA ARG A 26 -6.22 -19.43 0.27
C ARG A 26 -4.73 -19.59 0.47
N GLU A 27 -3.89 -19.01 -0.42
CA GLU A 27 -2.45 -19.10 -0.23
C GLU A 27 -2.03 -18.43 1.07
N LEU A 28 -2.67 -17.32 1.43
CA LEU A 28 -2.40 -16.67 2.70
C LEU A 28 -2.84 -17.53 3.87
N LEU A 29 -4.08 -18.02 3.85
CA LEU A 29 -4.56 -18.87 4.94
C LEU A 29 -3.63 -20.06 5.17
N GLU A 30 -3.20 -20.68 4.09
CA GLU A 30 -2.38 -21.88 4.24
C GLU A 30 -1.03 -21.61 4.87
N SER A 31 -0.56 -20.37 4.81
CA SER A 31 0.72 -20.04 5.39
C SER A 31 0.60 -19.81 6.90
N TYR A 32 -0.60 -19.69 7.45
CA TYR A 32 -0.79 -19.32 8.87
C TYR A 32 -0.87 -20.60 9.70
N ILE A 33 0.30 -21.21 9.92
CA ILE A 33 0.41 -22.55 10.49
C ILE A 33 0.65 -22.53 11.99
N ILE B 1 4.71 -3.55 -9.08
CA ILE B 1 4.76 -4.91 -8.53
C ILE B 1 5.44 -5.84 -9.52
N VAL B 2 6.43 -6.60 -9.07
CA VAL B 2 7.19 -7.53 -9.92
C VAL B 2 6.65 -8.93 -9.73
N GLU B 3 6.40 -9.63 -10.84
CA GLU B 3 5.94 -11.04 -10.81
C GLU B 3 4.65 -11.20 -10.05
N GLY B 4 3.75 -10.23 -10.16
CA GLY B 4 2.44 -10.33 -9.60
C GLY B 4 1.43 -10.73 -10.66
N SER B 5 0.17 -10.42 -10.38
CA SER B 5 -0.86 -10.67 -11.38
C SER B 5 -1.89 -9.56 -11.31
N ASP B 6 -2.75 -9.49 -12.33
CA ASP B 6 -3.84 -8.52 -12.32
C ASP B 6 -4.76 -8.79 -11.14
N ALA B 7 -5.09 -7.71 -10.41
CA ALA B 7 -6.08 -7.82 -9.34
C ALA B 7 -7.43 -8.19 -9.91
N GLU B 8 -8.26 -8.85 -9.10
CA GLU B 8 -9.68 -9.00 -9.40
C GLU B 8 -10.41 -7.69 -9.08
N ILE B 9 -11.57 -7.49 -9.72
CA ILE B 9 -12.36 -6.30 -9.43
C ILE B 9 -12.78 -6.33 -7.96
N GLY B 10 -12.62 -5.21 -7.27
CA GLY B 10 -13.02 -5.17 -5.87
C GLY B 10 -12.12 -5.96 -4.94
N MET B 11 -10.95 -6.41 -5.41
CA MET B 11 -10.08 -7.26 -4.57
C MET B 11 -9.41 -6.46 -3.47
N SER B 12 -9.18 -5.17 -3.72
CA SER B 12 -8.42 -4.32 -2.81
C SER B 12 -9.12 -2.97 -2.68
N PRO B 13 -10.34 -2.98 -2.16
CA PRO B 13 -11.15 -1.76 -2.25
C PRO B 13 -10.65 -0.64 -1.35
N TRP B 14 -9.66 -0.90 -0.53
CA TRP B 14 -8.98 0.15 0.22
C TRP B 14 -7.81 0.76 -0.55
N GLN B 15 -7.46 0.20 -1.71
CA GLN B 15 -6.31 0.72 -2.44
C GLN B 15 -6.56 2.15 -2.85
N VAL B 16 -5.56 3.00 -2.63
CA VAL B 16 -5.66 4.39 -3.02
C VAL B 16 -4.46 4.73 -3.90
N MET B 17 -4.71 5.51 -4.94
CA MET B 17 -3.63 6.04 -5.80
C MET B 17 -3.36 7.49 -5.45
N LEU B 18 -2.09 7.81 -5.19
CA LEU B 18 -1.66 9.17 -4.97
C LEU B 18 -1.25 9.73 -6.32
N PHE B 19 -1.90 10.83 -6.72
CA PHE B 19 -1.87 11.31 -8.10
C PHE B 19 -1.43 12.76 -8.08
N ARG B 20 -0.39 13.06 -8.86
CA ARG B 20 0.09 14.42 -9.00
C ARG B 20 -0.79 15.15 -10.00
N LYS B 21 -1.22 16.36 -9.64
CA LYS B 21 -2.06 17.16 -10.53
C LYS B 21 -1.31 17.57 -11.79
N SER B 22 -0.03 17.93 -11.67
CA SER B 22 0.65 18.71 -12.70
C SER B 22 2.14 18.51 -12.57
N PRO B 23 2.75 17.70 -13.43
CA PRO B 23 2.09 16.94 -14.50
C PRO B 23 1.25 15.79 -13.96
N GLN B 24 0.15 15.48 -14.62
CA GLN B 24 -0.73 14.41 -14.13
C GLN B 24 0.05 13.12 -14.09
N GLU B 25 0.36 12.61 -12.89
CA GLU B 25 1.12 11.37 -12.83
C GLU B 25 0.86 10.65 -11.51
N LEU B 26 1.02 9.34 -11.56
CA LEU B 26 1.02 8.53 -10.33
C LEU B 26 2.22 8.91 -9.49
N LEU B 27 2.01 9.11 -8.19
CA LEU B 27 3.12 9.32 -7.27
C LEU B 27 3.39 8.11 -6.41
N CYS B 28 2.37 7.38 -6.00
CA CYS B 28 2.53 6.44 -4.89
C CYS B 28 1.21 5.71 -4.72
N GLY B 29 1.25 4.60 -4.00
CA GLY B 29 0.03 4.01 -3.49
C GLY B 29 -0.30 4.57 -2.11
N ALA B 30 -1.41 4.10 -1.56
CA ALA B 30 -1.93 4.56 -0.28
C ALA B 30 -3.10 3.64 0.03
N SER B 31 -3.72 3.84 1.18
CA SER B 31 -4.83 2.95 1.55
C SER B 31 -5.89 3.74 2.31
N LEU B 32 -7.12 3.29 2.17
CA LEU B 32 -8.25 3.94 2.81
C LEU B 32 -8.50 3.26 4.15
N ILE B 33 -8.50 4.01 5.25
CA ILE B 33 -8.71 3.45 6.58
C ILE B 33 -9.99 3.94 7.23
N SER B 34 -10.69 4.89 6.62
CA SER B 34 -12.01 5.31 7.08
C SER B 34 -12.57 6.17 5.95
N ASP B 35 -13.74 6.76 6.18
CA ASP B 35 -14.28 7.58 5.11
C ASP B 35 -13.53 8.89 4.92
N ARG B 36 -12.65 9.31 5.85
CA ARG B 36 -11.93 10.57 5.67
C ARG B 36 -10.42 10.47 5.81
N TRP B 37 -9.85 9.29 6.01
CA TRP B 37 -8.41 9.18 6.32
C TRP B 37 -7.74 8.19 5.38
N VAL B 38 -6.58 8.58 4.84
CA VAL B 38 -5.82 7.77 3.91
C VAL B 38 -4.39 7.65 4.45
N LEU B 39 -3.88 6.43 4.43
CA LEU B 39 -2.57 6.11 5.00
C LEU B 39 -1.57 5.93 3.88
N THR B 40 -0.33 6.43 4.05
CA THR B 40 0.63 6.21 3.00
C THR B 40 2.02 6.25 3.64
N ALA B 41 3.05 6.25 2.82
CA ALA B 41 4.42 6.33 3.32
C ALA B 41 4.84 7.78 3.35
N ALA B 42 5.53 8.18 4.42
CA ALA B 42 6.05 9.55 4.50
C ALA B 42 6.88 9.92 3.27
N HIS B 43 7.68 8.97 2.76
CA HIS B 43 8.60 9.33 1.68
C HIS B 43 7.85 9.62 0.37
N CYS B 44 6.57 9.22 0.28
CA CYS B 44 5.75 9.59 -0.86
C CYS B 44 5.45 11.07 -0.89
N LEU B 45 5.50 11.72 0.27
CA LEU B 45 5.20 13.14 0.40
C LEU B 45 6.43 13.99 0.65
N LEU B 46 7.40 13.47 1.40
CA LEU B 46 8.57 14.24 1.81
C LEU B 46 9.80 13.37 1.63
N TYR B 47 10.67 13.78 0.72
CA TYR B 47 11.95 13.11 0.55
C TYR B 47 12.94 14.14 0.00
N PRO B 48 13.59 14.91 0.89
CA PRO B 48 14.51 15.98 0.45
C PRO B 48 15.63 15.51 -0.48
N PRO B 49 16.16 14.29 -0.33
CA PRO B 49 17.19 13.84 -1.29
C PRO B 49 16.74 13.88 -2.74
N TRP B 50 15.45 13.80 -3.01
CA TRP B 50 14.92 13.90 -4.36
C TRP B 50 14.19 15.21 -4.61
N ASP B 51 14.44 16.23 -3.77
CA ASP B 51 13.70 17.49 -3.83
C ASP B 51 12.20 17.27 -3.80
N LYS B 52 11.78 16.24 -3.08
CA LYS B 52 10.37 15.92 -2.98
C LYS B 52 9.81 16.49 -1.69
N ASN B 53 8.85 17.41 -1.82
CA ASN B 53 8.18 17.93 -0.64
C ASN B 53 6.81 18.47 -1.02
N PHE B 54 5.87 17.55 -1.18
CA PHE B 54 4.56 17.89 -1.70
C PHE B 54 3.68 18.58 -0.68
N THR B 55 2.88 19.52 -1.17
CA THR B 55 1.88 20.21 -0.39
C THR B 55 0.52 19.61 -0.74
N GLU B 56 -0.47 19.84 0.13
CA GLU B 56 -1.82 19.36 -0.13
C GLU B 56 -2.26 19.63 -1.55
N ASN B 57 -2.12 20.89 -1.99
CA ASN B 57 -2.77 21.23 -3.26
C ASN B 57 -2.04 20.63 -4.45
N ASP B 58 -0.88 20.01 -4.23
CA ASP B 58 -0.16 19.34 -5.30
C ASP B 58 -0.81 18.03 -5.72
N LEU B 59 -1.70 17.49 -4.88
CA LEU B 59 -2.07 16.08 -4.90
C LEU B 59 -3.57 15.87 -4.93
N LEU B 60 -3.96 14.77 -5.56
CA LEU B 60 -5.29 14.19 -5.38
C LEU B 60 -5.12 12.77 -4.85
N VAL B 61 -6.18 12.22 -4.27
CA VAL B 61 -6.23 10.78 -4.08
C VAL B 61 -7.35 10.26 -4.96
N ARG B 62 -7.10 9.16 -5.64
CA ARG B 62 -8.11 8.49 -6.45
C ARG B 62 -8.41 7.16 -5.77
N ILE B 63 -9.68 6.96 -5.43
CA ILE B 63 -10.08 5.80 -4.65
C ILE B 63 -11.03 4.97 -5.50
N GLY B 64 -10.95 3.64 -5.34
CA GLY B 64 -11.79 2.74 -6.11
C GLY B 64 -11.26 2.35 -7.47
N LYS B 65 -9.97 2.57 -7.73
CA LYS B 65 -9.46 2.36 -9.07
C LYS B 65 -9.06 0.92 -9.33
N HIS B 66 -8.95 0.59 -10.61
CA HIS B 66 -8.47 -0.69 -11.11
C HIS B 66 -7.49 -0.40 -12.23
N SER B 67 -7.99 0.13 -13.35
CA SER B 67 -7.07 0.53 -14.42
C SER B 67 -6.09 1.58 -13.92
N ARG B 68 -4.82 1.43 -14.30
CA ARG B 68 -3.79 2.40 -13.92
C ARG B 68 -4.05 3.77 -14.55
N THR B 69 -4.27 3.83 -15.87
CA THR B 69 -4.25 5.13 -16.57
C THR B 69 -5.64 5.70 -16.88
N ARG B 70 -6.65 4.84 -17.00
N ARG B 70 -6.66 4.87 -17.05
CA ARG B 70 -8.00 5.27 -17.38
CA ARG B 70 -7.94 5.36 -17.54
C ARG B 70 -8.64 6.12 -16.29
C ARG B 70 -8.77 5.96 -16.40
N TYR B 71 -9.50 7.04 -16.69
CA TYR B 71 -10.43 7.65 -15.74
C TYR B 71 -11.68 6.78 -15.69
N GLU B 72 -11.90 6.17 -14.52
CA GLU B 72 -12.87 5.11 -14.37
C GLU B 72 -14.19 5.73 -13.93
N ARG B 73 -14.80 6.36 -14.92
CA ARG B 73 -16.07 7.02 -14.75
C ARG B 73 -17.05 6.08 -14.07
N ASN B 74 -17.77 6.63 -13.09
CA ASN B 74 -18.83 6.00 -12.30
C ASN B 74 -18.28 4.99 -11.29
N ILE B 75 -16.96 4.91 -11.15
CA ILE B 75 -16.37 3.89 -10.30
C ILE B 75 -15.40 4.54 -9.34
N GLU B 76 -14.37 5.21 -9.87
CA GLU B 76 -13.43 5.82 -8.96
C GLU B 76 -14.01 7.13 -8.42
N LYS B 77 -13.50 7.53 -7.25
CA LYS B 77 -13.81 8.81 -6.66
C LYS B 77 -12.49 9.53 -6.45
N ILE B 78 -12.41 10.74 -6.96
CA ILE B 78 -11.19 11.52 -6.86
C ILE B 78 -11.40 12.53 -5.74
N SER B 79 -10.47 12.56 -4.78
CA SER B 79 -10.65 13.38 -3.59
C SER B 79 -9.47 14.33 -3.44
N MET B 80 -9.77 15.54 -2.98
CA MET B 80 -8.74 16.54 -2.69
C MET B 80 -8.33 16.38 -1.24
N LEU B 81 -7.08 16.74 -0.96
CA LEU B 81 -6.51 16.55 0.36
C LEU B 81 -6.77 17.76 1.25
N GLU B 82 -7.24 17.50 2.47
CA GLU B 82 -7.34 18.57 3.44
C GLU B 82 -6.01 18.85 4.12
N LYS B 83 -5.41 17.82 4.72
CA LYS B 83 -4.17 18.02 5.46
C LYS B 83 -3.30 16.78 5.35
N ILE B 84 -2.00 17.01 5.36
CA ILE B 84 -0.99 15.97 5.41
C ILE B 84 -0.39 15.96 6.80
N TYR B 85 -0.20 14.75 7.38
CA TYR B 85 0.48 14.60 8.66
C TYR B 85 1.60 13.59 8.47
N ILE B 86 2.83 14.01 8.71
CA ILE B 86 4.00 13.14 8.59
C ILE B 86 4.49 12.83 9.99
N HIS B 87 4.90 11.58 10.21
CA HIS B 87 5.39 11.22 11.52
C HIS B 87 6.55 12.16 11.91
N PRO B 88 6.50 12.79 13.09
CA PRO B 88 7.55 13.74 13.45
C PRO B 88 8.94 13.13 13.57
N ARG B 89 9.05 11.83 13.78
CA ARG B 89 10.37 11.20 13.81
C ARG B 89 10.62 10.36 12.58
N TYR B 90 9.91 10.62 11.48
CA TYR B 90 10.26 10.05 10.18
C TYR B 90 11.73 10.36 9.80
N ASN B 91 12.54 9.30 9.61
CA ASN B 91 13.97 9.47 9.37
C ASN B 91 14.31 9.34 7.88
N TRP B 92 14.12 10.44 7.15
CA TRP B 92 14.49 10.42 5.74
C TRP B 92 15.99 10.54 5.54
N ARG B 93 16.71 10.94 6.57
CA ARG B 93 18.17 11.14 6.41
C ARG B 93 18.89 9.81 6.27
N GLU B 94 18.43 8.76 6.94
CA GLU B 94 19.25 7.55 7.04
C GLU B 94 18.57 6.35 6.42
N ASN B 95 17.45 5.86 6.98
CA ASN B 95 16.97 4.53 6.63
C ASN B 95 15.46 4.47 6.46
N LEU B 96 14.79 5.61 6.31
CA LEU B 96 13.32 5.69 6.21
C LEU B 96 12.64 5.12 7.46
N ASP B 97 13.27 5.26 8.62
CA ASP B 97 12.63 4.83 9.88
C ASP B 97 11.33 5.60 10.09
N ARG B 98 10.28 4.87 10.47
CA ARG B 98 8.94 5.41 10.67
C ARG B 98 8.42 6.07 9.40
N ASP B 99 8.44 5.32 8.29
CA ASP B 99 8.02 5.81 6.98
C ASP B 99 6.48 5.75 6.89
N ILE B 100 5.82 6.77 7.47
CA ILE B 100 4.37 6.73 7.60
C ILE B 100 3.83 8.14 7.55
N ALA B 101 2.64 8.29 6.97
CA ALA B 101 1.98 9.58 6.88
C ALA B 101 0.48 9.36 6.74
N LEU B 102 -0.27 10.31 7.25
CA LEU B 102 -1.72 10.32 7.06
C LEU B 102 -2.13 11.50 6.19
N MET B 103 -3.24 11.31 5.45
CA MET B 103 -3.83 12.39 4.66
C MET B 103 -5.31 12.44 5.01
N LYS B 104 -5.78 13.61 5.42
CA LYS B 104 -7.20 13.86 5.67
C LYS B 104 -7.85 14.36 4.39
N LEU B 105 -8.99 13.76 4.04
CA LEU B 105 -9.67 14.16 2.83
C LEU B 105 -10.57 15.36 3.11
N LYS B 106 -10.72 16.21 2.10
CA LYS B 106 -11.57 17.38 2.28
C LYS B 106 -13.01 16.99 2.56
N LYS B 107 -13.49 15.90 1.96
CA LYS B 107 -14.84 15.41 2.20
C LYS B 107 -14.82 13.90 2.30
N PRO B 108 -15.73 13.31 3.10
CA PRO B 108 -15.77 11.85 3.20
C PRO B 108 -16.13 11.23 1.85
N VAL B 109 -15.48 10.13 1.55
CA VAL B 109 -15.72 9.41 0.29
C VAL B 109 -16.87 8.43 0.53
N ALA B 110 -17.77 8.32 -0.44
CA ALA B 110 -18.84 7.34 -0.32
C ALA B 110 -18.32 5.93 -0.56
N PHE B 111 -18.70 4.99 0.29
CA PHE B 111 -18.30 3.60 0.09
C PHE B 111 -19.16 2.95 -0.99
N SER B 112 -18.62 1.91 -1.61
CA SER B 112 -19.27 1.24 -2.75
C SER B 112 -18.67 -0.16 -2.86
N ASP B 113 -19.06 -0.89 -3.92
CA ASP B 113 -18.44 -2.19 -4.14
C ASP B 113 -16.93 -2.09 -4.35
N TYR B 114 -16.43 -0.91 -4.73
CA TYR B 114 -15.03 -0.70 -5.12
C TYR B 114 -14.21 0.08 -4.11
N ILE B 115 -14.85 0.58 -3.04
CA ILE B 115 -14.30 1.59 -2.14
C ILE B 115 -14.73 1.15 -0.74
N HIS B 116 -13.77 0.70 0.07
CA HIS B 116 -14.11 0.19 1.39
C HIS B 116 -12.85 0.23 2.21
N PRO B 117 -12.90 0.64 3.49
CA PRO B 117 -11.68 0.74 4.31
C PRO B 117 -11.13 -0.62 4.74
N VAL B 118 -9.82 -0.64 4.93
CA VAL B 118 -9.12 -1.80 5.50
C VAL B 118 -9.06 -1.58 7.00
N CYS B 119 -8.90 -2.67 7.78
CA CYS B 119 -8.71 -2.51 9.22
C CYS B 119 -7.27 -2.24 9.58
N LEU B 120 -7.08 -1.50 10.73
CA LEU B 120 -5.71 -1.48 11.23
C LEU B 120 -5.55 -2.48 12.38
N PRO B 121 -4.37 -3.06 12.55
CA PRO B 121 -4.22 -4.17 13.49
C PRO B 121 -4.19 -3.70 14.93
N ASP B 122 -4.77 -4.49 15.81
CA ASP B 122 -4.47 -4.31 17.22
C ASP B 122 -3.28 -5.18 17.62
N ARG B 123 -2.84 -4.98 18.85
CA ARG B 123 -1.66 -5.70 19.34
C ARG B 123 -1.79 -7.20 19.13
N GLU B 124 -2.98 -7.75 19.36
CA GLU B 124 -3.14 -9.19 19.34
C GLU B 124 -3.05 -9.71 17.91
N THR B 125 -3.70 -9.01 17.00
CA THR B 125 -3.64 -9.44 15.61
C THR B 125 -2.23 -9.34 15.10
N ALA B 126 -1.50 -8.26 15.43
CA ALA B 126 -0.12 -8.13 15.00
C ALA B 126 0.76 -9.23 15.57
N ALA B 127 0.56 -9.55 16.85
CA ALA B 127 1.37 -10.59 17.46
C ALA B 127 1.11 -11.94 16.80
N SER B 128 -0.16 -12.25 16.50
CA SER B 128 -0.48 -13.54 15.92
C SER B 128 0.03 -13.65 14.50
N LEU B 129 -0.09 -12.59 13.72
CA LEU B 129 0.09 -12.70 12.28
C LEU B 129 1.47 -12.31 11.80
N LEU B 130 2.19 -11.45 12.52
CA LEU B 130 3.48 -10.98 12.00
C LEU B 130 4.57 -11.98 12.35
N GLN B 131 4.53 -13.11 11.68
CA GLN B 131 5.43 -14.21 11.98
C GLN B 131 6.10 -14.63 10.70
N ALA B 132 7.40 -14.94 10.79
CA ALA B 132 8.13 -15.37 9.61
C ALA B 132 7.44 -16.56 8.96
N GLY B 133 7.33 -16.51 7.63
CA GLY B 133 6.63 -17.52 6.87
C GLY B 133 5.19 -17.18 6.55
N TYR B 134 4.50 -16.45 7.43
CA TYR B 134 3.13 -16.03 7.14
C TYR B 134 3.11 -15.05 5.98
N LYS B 135 2.12 -15.18 5.11
CA LYS B 135 2.12 -14.39 3.90
C LYS B 135 1.14 -13.25 4.01
N GLY B 136 1.53 -12.10 3.45
CA GLY B 136 0.64 -10.99 3.25
C GLY B 136 0.55 -10.68 1.78
N ARG B 137 -0.12 -9.59 1.45
CA ARG B 137 -0.45 -9.27 0.07
C ARG B 137 -0.13 -7.82 -0.16
N VAL B 138 0.58 -7.55 -1.26
CA VAL B 138 1.00 -6.20 -1.63
C VAL B 138 0.35 -5.86 -2.96
N THR B 139 -0.17 -4.64 -3.05
CA THR B 139 -0.84 -4.20 -4.27
C THR B 139 -0.33 -2.84 -4.70
N GLY B 140 -0.36 -2.61 -6.00
CA GLY B 140 0.02 -1.32 -6.53
C GLY B 140 0.09 -1.30 -8.04
N TRP B 141 0.29 -0.10 -8.55
CA TRP B 141 0.41 0.21 -9.97
C TRP B 141 1.84 0.47 -10.38
N GLY B 142 2.80 0.19 -9.53
CA GLY B 142 4.19 0.52 -9.86
C GLY B 142 4.78 -0.40 -10.91
N ASN B 143 6.06 -0.18 -11.19
CA ASN B 143 6.68 -0.87 -12.31
C ASN B 143 6.67 -2.38 -12.15
N LEU B 144 6.58 -3.05 -13.29
CA LEU B 144 6.58 -4.51 -13.38
C LEU B 144 7.99 -5.11 -13.29
N LYS B 145 9.03 -4.30 -13.39
CA LYS B 145 10.38 -4.83 -13.40
C LYS B 145 11.33 -3.70 -13.07
N GLU B 146 12.51 -4.08 -12.59
CA GLU B 146 13.53 -3.06 -12.35
C GLU B 146 14.03 -2.45 -13.65
N THR B 147 14.15 -3.23 -14.74
CA THR B 147 14.71 -2.75 -16.01
C THR B 147 14.12 -3.51 -17.21
N TRP B 148 14.12 -2.85 -18.38
CA TRP B 148 13.60 -3.45 -19.61
C TRP B 148 14.09 -2.66 -20.82
N THR B 149 13.91 -3.23 -22.02
CA THR B 149 14.37 -2.59 -23.25
C THR B 149 13.29 -1.63 -23.77
N ALA B 150 13.66 -0.37 -23.94
CA ALA B 150 12.69 0.71 -24.12
C ALA B 150 11.98 0.61 -25.47
N ASN B 151 10.65 0.77 -25.44
CA ASN B 151 9.78 0.65 -26.60
C ASN B 151 9.85 -0.73 -27.25
N VAL B 152 10.33 -1.74 -26.51
CA VAL B 152 10.39 -3.12 -26.99
C VAL B 152 9.72 -4.03 -25.98
N GLY B 153 10.21 -4.00 -24.74
CA GLY B 153 9.53 -4.64 -23.63
C GLY B 153 8.51 -3.72 -22.98
N LYS B 154 7.79 -4.28 -21.99
CA LYS B 154 6.77 -3.55 -21.26
C LYS B 154 7.09 -3.58 -19.77
N GLY B 155 7.12 -2.42 -19.14
CA GLY B 155 7.49 -2.29 -17.74
C GLY B 155 6.39 -1.78 -16.82
N GLN B 156 5.29 -1.27 -17.36
CA GLN B 156 4.23 -0.76 -16.48
C GLN B 156 2.92 -1.50 -16.73
N PRO B 157 2.06 -1.65 -15.71
CA PRO B 157 0.83 -2.43 -15.91
C PRO B 157 -0.37 -1.58 -16.34
N SER B 158 -1.30 -2.27 -17.02
CA SER B 158 -2.58 -1.65 -17.36
C SER B 158 -3.46 -1.50 -16.12
N VAL B 159 -3.41 -2.46 -15.19
CA VAL B 159 -4.33 -2.44 -14.06
C VAL B 159 -3.58 -2.86 -12.80
N LEU B 160 -4.28 -2.70 -11.67
CA LEU B 160 -3.73 -2.99 -10.36
C LEU B 160 -3.08 -4.37 -10.33
N GLN B 161 -1.87 -4.45 -9.74
CA GLN B 161 -1.13 -5.69 -9.63
C GLN B 161 -1.17 -6.18 -8.19
N VAL B 162 -1.09 -7.50 -8.02
CA VAL B 162 -1.18 -8.14 -6.72
C VAL B 162 -0.10 -9.20 -6.61
N VAL B 163 0.55 -9.29 -5.46
CA VAL B 163 1.43 -10.42 -5.19
C VAL B 163 1.34 -10.76 -3.71
N ASN B 164 1.37 -12.05 -3.41
CA ASN B 164 1.42 -12.53 -2.04
C ASN B 164 2.87 -12.86 -1.69
N LEU B 165 3.33 -12.43 -0.51
CA LEU B 165 4.75 -12.60 -0.12
C LEU B 165 4.87 -13.01 1.34
N PRO B 166 5.81 -13.89 1.67
CA PRO B 166 6.00 -14.28 3.07
C PRO B 166 6.85 -13.29 3.86
N ILE B 167 6.42 -13.05 5.09
CA ILE B 167 7.25 -12.31 6.02
C ILE B 167 8.53 -13.08 6.27
N VAL B 168 9.65 -12.37 6.43
CA VAL B 168 10.97 -12.98 6.54
C VAL B 168 11.50 -12.79 7.95
N GLU B 169 12.22 -13.81 8.45
CA GLU B 169 12.88 -13.75 9.76
C GLU B 169 13.74 -12.50 9.87
N ARG B 170 13.69 -11.82 11.01
CA ARG B 170 14.42 -10.55 11.12
C ARG B 170 15.92 -10.69 10.91
N PRO B 171 16.61 -11.72 11.39
CA PRO B 171 18.04 -11.82 11.09
C PRO B 171 18.32 -11.92 9.60
N VAL B 172 17.44 -12.57 8.82
CA VAL B 172 17.64 -12.66 7.38
C VAL B 172 17.43 -11.29 6.74
N CYS B 173 16.37 -10.56 7.16
CA CYS B 173 16.21 -9.18 6.69
C CYS B 173 17.47 -8.36 6.95
N LYS B 174 17.96 -8.41 8.19
CA LYS B 174 19.14 -7.63 8.56
C LYS B 174 20.37 -8.06 7.75
N ASP B 175 20.57 -9.37 7.57
CA ASP B 175 21.76 -9.83 6.85
C ASP B 175 21.68 -9.60 5.34
N SER B 176 20.55 -9.11 4.81
CA SER B 176 20.39 -8.94 3.38
C SER B 176 20.91 -7.58 2.89
N THR B 177 21.27 -6.69 3.81
CA THR B 177 21.43 -5.29 3.46
C THR B 177 22.46 -4.65 4.39
N ARG B 178 23.05 -3.57 3.92
CA ARG B 178 23.87 -2.77 4.80
C ARG B 178 23.09 -1.68 5.51
N ILE B 179 21.82 -1.45 5.12
CA ILE B 179 21.02 -0.41 5.77
C ILE B 179 20.65 -0.89 7.17
N ARG B 180 20.61 0.06 8.12
CA ARG B 180 20.23 -0.26 9.50
C ARG B 180 18.72 -0.46 9.60
N ILE B 181 18.30 -1.67 10.03
CA ILE B 181 16.88 -2.03 10.10
C ILE B 181 16.39 -1.68 11.50
N THR B 182 15.14 -1.25 11.65
CA THR B 182 14.63 -0.92 12.97
C THR B 182 13.44 -1.80 13.29
N ASP B 183 13.03 -1.76 14.56
CA ASP B 183 11.80 -2.45 14.92
C ASP B 183 10.55 -1.86 14.26
N ASN B 184 10.65 -0.68 13.64
CA ASN B 184 9.51 -0.12 12.90
C ASN B 184 9.43 -0.61 11.47
N MET B 185 10.20 -1.65 11.15
CA MET B 185 10.23 -2.22 9.81
C MET B 185 10.09 -3.73 9.91
N PHE B 186 9.53 -4.34 8.88
CA PHE B 186 9.71 -5.76 8.68
C PHE B 186 9.97 -5.97 7.20
N CYS B 187 10.52 -7.11 6.84
CA CYS B 187 10.78 -7.32 5.43
C CYS B 187 10.02 -8.55 4.97
N ALA B 188 9.81 -8.65 3.65
CA ALA B 188 8.99 -9.72 3.08
C ALA B 188 9.49 -10.05 1.68
N GLY B 189 9.28 -11.29 1.30
CA GLY B 189 9.74 -11.77 0.01
C GLY B 189 10.24 -13.18 0.11
N TYR B 190 10.39 -13.82 -1.05
CA TYR B 190 10.90 -15.18 -1.10
C TYR B 190 12.41 -15.20 -1.08
N LYS B 191 12.96 -16.26 -0.50
CA LYS B 191 14.40 -16.51 -0.49
C LYS B 191 14.82 -17.10 -1.82
N PRO B 192 16.10 -16.94 -2.20
CA PRO B 192 16.56 -17.52 -3.47
C PRO B 192 16.30 -19.01 -3.58
N ASP B 193 16.36 -19.73 -2.45
CA ASP B 193 16.16 -21.17 -2.51
C ASP B 193 14.69 -21.51 -2.76
N GLU B 194 13.77 -20.73 -2.20
CA GLU B 194 12.34 -20.94 -2.44
C GLU B 194 12.07 -20.82 -3.94
N GLY B 195 10.91 -21.32 -4.36
CA GLY B 195 10.71 -21.38 -5.79
C GLY B 195 10.34 -20.04 -6.39
N LYS B 196 9.45 -19.34 -5.71
CA LYS B 196 8.68 -18.23 -6.25
C LYS B 196 9.44 -16.91 -6.11
N ARG B 197 8.95 -15.90 -6.81
CA ARG B 197 9.51 -14.56 -6.81
C ARG B 197 8.43 -13.54 -6.47
N GLY B 198 8.80 -12.27 -6.54
CA GLY B 198 7.85 -11.19 -6.36
C GLY B 198 8.35 -10.07 -5.46
N ASP B 199 7.97 -8.85 -5.78
CA ASP B 199 8.39 -7.73 -4.97
C ASP B 199 7.55 -6.53 -5.33
N ALA B 200 7.54 -5.55 -4.43
CA ALA B 200 7.12 -4.23 -4.84
C ALA B 200 8.23 -3.61 -5.67
N CYS B 201 7.93 -2.45 -6.24
CA CYS B 201 8.90 -1.72 -7.04
C CYS B 201 8.49 -0.27 -7.08
N GLU B 202 9.24 0.56 -7.82
CA GLU B 202 8.95 1.97 -7.93
C GLU B 202 7.50 2.24 -8.31
N GLY B 203 6.84 3.14 -7.56
CA GLY B 203 5.45 3.47 -7.79
C GLY B 203 4.50 2.70 -6.89
N ASP B 204 4.97 1.62 -6.28
CA ASP B 204 4.21 0.86 -5.29
C ASP B 204 4.33 1.42 -3.88
N SER B 205 5.36 2.21 -3.62
CA SER B 205 5.57 2.97 -2.39
C SER B 205 4.26 3.50 -1.83
N GLY B 206 4.10 3.33 -0.51
CA GLY B 206 3.00 3.89 0.21
C GLY B 206 1.75 3.05 0.21
N GLY B 207 1.70 2.02 -0.63
CA GLY B 207 0.55 1.12 -0.65
C GLY B 207 0.64 0.07 0.45
N PRO B 208 -0.40 -0.74 0.54
CA PRO B 208 -0.57 -1.55 1.76
C PRO B 208 -0.01 -2.95 1.59
N PHE B 209 0.52 -3.48 2.70
CA PHE B 209 0.82 -4.90 2.86
C PHE B 209 -0.29 -5.42 3.78
N VAL B 210 -1.16 -6.27 3.26
CA VAL B 210 -2.32 -6.67 4.06
C VAL B 210 -2.27 -8.15 4.37
N MET B 211 -2.95 -8.53 5.47
CA MET B 211 -3.12 -9.93 5.83
C MET B 211 -4.58 -10.17 6.16
N LYS B 212 -5.08 -11.36 5.83
CA LYS B 212 -6.47 -11.70 6.14
C LYS B 212 -6.48 -12.52 7.43
N SER B 213 -7.05 -11.97 8.48
CA SER B 213 -7.05 -12.66 9.75
C SER B 213 -7.85 -13.96 9.64
N PRO B 214 -7.30 -15.10 10.06
CA PRO B 214 -8.09 -16.34 10.09
C PRO B 214 -9.01 -16.41 11.28
N PHE B 215 -8.92 -15.46 12.20
CA PHE B 215 -9.76 -15.42 13.38
C PHE B 215 -11.11 -14.79 13.08
N ASN B 216 -11.14 -13.70 12.31
CA ASN B 216 -12.39 -12.99 12.06
C ASN B 216 -12.64 -12.68 10.58
N ASN B 217 -11.73 -13.15 9.72
N ASN B 217 -11.86 -13.21 9.65
CA ASN B 217 -11.89 -13.12 8.28
CA ASN B 217 -12.10 -13.09 8.21
C ASN B 217 -12.02 -11.68 7.79
C ASN B 217 -11.86 -11.69 7.66
N ARG B 218 -11.28 -10.79 8.45
CA ARG B 218 -11.13 -9.38 8.04
C ARG B 218 -9.70 -9.11 7.55
N TRP B 219 -9.57 -8.19 6.62
CA TRP B 219 -8.26 -7.80 6.11
C TRP B 219 -7.70 -6.69 6.98
N TYR B 220 -6.44 -6.87 7.41
CA TYR B 220 -5.69 -5.93 8.23
C TYR B 220 -4.47 -5.44 7.48
N GLN B 221 -4.19 -4.15 7.57
CA GLN B 221 -3.00 -3.59 6.94
C GLN B 221 -1.84 -3.64 7.94
N MET B 222 -0.92 -4.58 7.73
CA MET B 222 0.19 -4.74 8.64
C MET B 222 1.37 -3.88 8.24
N GLY B 223 1.48 -3.54 6.96
CA GLY B 223 2.68 -2.87 6.50
C GLY B 223 2.35 -1.84 5.44
N ILE B 224 3.28 -0.90 5.24
CA ILE B 224 3.25 0.05 4.15
C ILE B 224 4.48 -0.18 3.31
N VAL B 225 4.32 -0.25 1.98
CA VAL B 225 5.50 -0.40 1.11
C VAL B 225 6.46 0.77 1.35
N SER B 226 7.70 0.45 1.77
CA SER B 226 8.63 1.49 2.21
C SER B 226 9.88 1.55 1.34
N TRP B 227 10.74 0.53 1.34
CA TRP B 227 11.96 0.63 0.57
C TRP B 227 12.51 -0.74 0.21
N GLY B 228 13.37 -0.76 -0.80
CA GLY B 228 14.06 -1.97 -1.20
C GLY B 228 15.31 -1.51 -1.91
N GLU B 229 16.16 -2.47 -2.23
CA GLU B 229 17.33 -2.20 -3.07
C GLU B 229 17.13 -2.97 -4.36
N GLY B 230 16.72 -2.26 -5.40
CA GLY B 230 16.33 -2.93 -6.60
C GLY B 230 14.89 -3.36 -6.40
N CYS B 231 14.45 -4.27 -7.26
CA CYS B 231 13.11 -4.86 -7.18
C CYS B 231 13.24 -6.33 -7.52
N ASP B 232 12.81 -7.21 -6.62
CA ASP B 232 12.80 -8.63 -6.92
C ASP B 232 14.22 -9.16 -7.20
N ARG B 233 15.21 -8.60 -6.52
CA ARG B 233 16.56 -9.13 -6.63
C ARG B 233 16.72 -10.30 -5.70
N ASP B 234 17.47 -11.30 -6.16
CA ASP B 234 17.77 -12.46 -5.33
C ASP B 234 18.57 -12.04 -4.10
N GLY B 235 18.15 -12.54 -2.95
CA GLY B 235 18.86 -12.24 -1.75
C GLY B 235 18.49 -10.92 -1.12
N LYS B 236 17.63 -10.15 -1.77
CA LYS B 236 17.09 -8.89 -1.28
C LYS B 236 15.61 -9.07 -0.96
N TYR B 237 15.10 -8.17 -0.14
CA TYR B 237 13.73 -8.25 0.35
C TYR B 237 13.16 -6.85 0.33
N GLY B 238 11.83 -6.75 0.28
CA GLY B 238 11.18 -5.47 0.41
C GLY B 238 10.96 -5.19 1.88
N PHE B 239 11.06 -3.90 2.24
CA PHE B 239 10.89 -3.47 3.61
C PHE B 239 9.64 -2.63 3.72
N TYR B 240 8.93 -2.87 4.82
CA TYR B 240 7.60 -2.36 5.04
C TYR B 240 7.55 -1.67 6.39
N THR B 241 6.89 -0.51 6.43
CA THR B 241 6.58 0.14 7.71
C THR B 241 5.69 -0.75 8.55
N HIS B 242 6.08 -0.94 9.82
CA HIS B 242 5.36 -1.78 10.77
C HIS B 242 4.21 -0.96 11.32
N VAL B 243 3.01 -1.10 10.75
CA VAL B 243 1.89 -0.21 11.06
C VAL B 243 1.53 -0.27 12.54
N PHE B 244 1.46 -1.47 13.11
CA PHE B 244 1.06 -1.56 14.51
C PHE B 244 2.02 -0.82 15.42
N ARG B 245 3.32 -0.85 15.12
CA ARG B 245 4.28 -0.18 15.99
C ARG B 245 4.06 1.31 16.02
N LEU B 246 3.45 1.88 14.99
CA LEU B 246 3.19 3.30 14.92
C LEU B 246 1.72 3.64 15.17
N LYS B 247 0.96 2.72 15.73
CA LYS B 247 -0.48 2.96 15.80
C LYS B 247 -0.83 4.00 16.86
N LYS B 248 -0.01 4.16 17.90
CA LYS B 248 -0.33 5.18 18.89
C LYS B 248 -0.21 6.58 18.29
N TRP B 249 0.75 6.78 17.38
CA TRP B 249 0.80 8.03 16.63
C TRP B 249 -0.42 8.16 15.73
N ILE B 250 -0.82 7.08 15.04
CA ILE B 250 -2.03 7.11 14.22
C ILE B 250 -3.22 7.54 15.05
N GLN B 251 -3.40 6.91 16.22
CA GLN B 251 -4.53 7.23 17.09
C GLN B 251 -4.47 8.68 17.54
N LYS B 252 -3.32 9.14 18.01
CA LYS B 252 -3.17 10.53 18.39
C LYS B 252 -3.60 11.47 17.26
N VAL B 253 -3.09 11.22 16.06
CA VAL B 253 -3.39 12.11 14.93
C VAL B 253 -4.88 12.16 14.68
N ILE B 254 -5.54 11.02 14.75
CA ILE B 254 -6.97 10.98 14.45
C ILE B 254 -7.82 11.39 15.65
N ASP B 255 -7.54 10.81 16.82
CA ASP B 255 -8.47 10.91 17.95
C ASP B 255 -8.37 12.24 18.66
N GLN B 256 -7.18 12.62 19.12
CA GLN B 256 -7.13 13.87 19.86
C GLN B 256 -6.96 15.07 18.95
N PHE B 257 -6.13 14.97 17.91
CA PHE B 257 -5.82 16.17 17.17
C PHE B 257 -6.82 16.43 16.03
N GLY B 258 -7.21 15.40 15.28
CA GLY B 258 -7.98 15.58 14.06
C GLY B 258 -9.47 15.35 14.18
N GLU B 259 -9.98 14.99 15.35
CA GLU B 259 -11.41 14.71 15.55
C GLU B 259 -11.97 15.50 16.73
N GLY C 1 2.61 11.42 -19.52
CA GLY C 1 1.40 11.66 -20.28
C GLY C 1 0.65 10.38 -20.65
N ASP C 2 0.97 9.28 -19.95
CA ASP C 2 0.35 7.99 -20.19
C ASP C 2 -1.09 7.97 -19.71
N PHE C 3 -1.51 9.02 -19.04
CA PHE C 3 -2.69 9.00 -18.19
C PHE C 3 -3.83 9.71 -18.87
N GLU C 4 -4.96 9.03 -18.96
CA GLU C 4 -6.17 9.64 -19.47
C GLU C 4 -6.53 10.84 -18.62
N GLU C 5 -6.95 11.93 -19.28
CA GLU C 5 -7.20 13.19 -18.60
C GLU C 5 -8.29 13.02 -17.55
N ILE C 6 -8.19 13.81 -16.48
CA ILE C 6 -9.11 13.76 -15.33
C ILE C 6 -10.20 14.79 -15.56
N PRO C 7 -11.40 14.67 -14.98
CA PRO C 7 -12.36 15.76 -15.06
C PRO C 7 -11.83 17.06 -14.45
N GLU C 8 -12.19 18.17 -15.09
CA GLU C 8 -11.60 19.46 -14.74
C GLU C 8 -11.95 19.88 -13.32
N GLU C 9 -13.11 19.50 -12.82
CA GLU C 9 -13.49 19.91 -11.47
C GLU C 9 -12.48 19.40 -10.44
N TYS C 10 -11.73 18.36 -10.76
CA TYS C 10 -10.78 17.83 -9.78
CB TYS C 10 -10.50 16.34 -9.99
CG TYS C 10 -11.79 15.58 -9.79
CD1 TYS C 10 -12.46 15.63 -8.57
CD2 TYS C 10 -12.30 14.84 -10.85
CE1 TYS C 10 -13.66 14.94 -8.42
CE2 TYS C 10 -13.50 14.14 -10.69
CZ TYS C 10 -14.16 14.18 -9.46
OH TYS C 10 -15.33 13.50 -9.33
S TYS C 10 -15.40 12.03 -8.89
O1 TYS C 10 -16.75 11.61 -9.13
O2 TYS C 10 -14.51 11.21 -9.65
O3 TYS C 10 -15.08 11.99 -7.30
C TYS C 10 -9.49 18.57 -9.85
O TYS C 10 -8.77 18.66 -8.82
N LEU C 11 -9.14 19.09 -11.02
CA LEU C 11 -7.83 19.68 -11.20
C LEU C 11 -7.84 21.13 -10.75
N GLN C 12 -8.96 21.53 -10.15
CA GLN C 12 -9.17 22.90 -9.67
C GLN C 12 -9.02 22.98 -8.16
NA NA D . 23.36 -6.26 7.49
NA NA E . 14.15 -10.79 -3.44
C1 NAG F . 8.51 20.95 3.17
C2 NAG F . 9.51 21.53 4.19
C3 NAG F . 8.78 22.44 5.19
C4 NAG F . 7.91 23.47 4.48
C5 NAG F . 6.97 22.78 3.51
C6 NAG F . 6.15 23.75 2.70
C7 NAG F . 11.39 19.98 4.51
C8 NAG F . 11.95 18.89 5.36
N2 NAG F . 10.20 20.47 4.89
O3 NAG F . 9.74 23.10 6.00
O4 NAG F . 7.15 24.21 5.44
O5 NAG F . 7.73 22.01 2.59
O7 NAG F . 11.98 20.41 3.52
S DMS G . -1.98 -18.76 13.38
O DMS G . -1.68 -17.58 14.26
C1 DMS G . -1.33 -20.29 14.14
C2 DMS G . -3.70 -19.08 13.67
S DMS H . 8.35 -9.83 11.94
O DMS H . 9.54 -8.99 11.52
C1 DMS H . 8.91 -11.56 11.83
C2 DMS H . 8.17 -9.66 13.73
C4 QKE I . 16.25 3.61 3.09
C7 QKE I . 17.26 4.62 0.74
C6 QKE I . 17.25 5.41 1.87
C9 QKE I . 14.52 5.62 -1.67
C13 QKE I . 11.83 3.44 -2.50
C8 QKE I . 14.56 3.10 -1.55
C18 QKE I . 9.74 -1.51 -1.64
C16 QKE I . 10.70 -0.69 -3.52
C1 QKE I . 16.78 2.47 -0.48
C2 QKE I . 16.77 3.32 0.76
C3 QKE I . 16.27 2.83 1.95
C5 QKE I . 16.74 4.90 3.05
C10 QKE I . 13.40 6.55 -1.30
C11 QKE I . 12.13 5.81 -1.66
C12 QKE I . 12.45 4.32 -1.42
C14 QKE I . 10.13 1.82 -3.08
C15 QKE I . 10.22 0.35 -2.82
C17 QKE I . 10.39 -1.88 -2.79
N QKE I . 16.43 2.38 -2.92
C QKE I . 16.10 3.12 -1.69
O QKE I . 13.97 2.03 -1.48
N1 QKE I . 13.92 4.28 -1.53
N2 QKE I . 10.84 2.63 -2.11
O1 QKE I . 12.26 3.48 -3.65
O2 QKE I . 9.62 -0.12 -1.65
CL QKE I . 9.14 -2.39 -0.30
S DMS J . 15.95 7.32 14.28
O DMS J . 15.85 6.17 13.32
C1 DMS J . 15.81 6.73 16.01
C2 DMS J . 17.67 7.92 14.35
#